data_6F7D
#
_entry.id   6F7D
#
_cell.length_a   151.623
_cell.length_b   151.623
_cell.length_c   151.623
_cell.angle_alpha   90.00
_cell.angle_beta   90.00
_cell.angle_gamma   90.00
#
_symmetry.space_group_name_H-M   'I 21 3'
#
loop_
_entity.id
_entity.type
_entity.pdbx_description
1 polymer Tailspike
2 non-polymer 1,2-ETHANEDIOL
3 water water
#
_entity_poly.entity_id   1
_entity_poly.type   'polypeptide(L)'
_entity_poly.pdbx_seq_one_letter_code
;GVINFSHADTYGNDSVGAHLQNVVYPTDAPFNAATDGTTDTTVAIKSAIAHCISKGKKLVLNHLFMITDTLVISDGLHVE
CLTSDSGVKSDVPAGKFAVKITGANSGWFGGKILGKNLPESTTVRQDGVLFDENAEYCFITGTEVTGFFAKGLHTSDADG
VGYGIYDKGYGTLISKCYANSKFCVALGGTEGRVLKNRITNNYLTSGEAKPWSWASNYWDGIVSENAHRYVIAFNDVSAC
GQSGIYFGGNGGYSTDNIIVNNTVYACWNRGIDMGLFSEKSATNDVLRNIIKGNNTYNNRENNIWLAGVSNCSVVGNTSW
FDTNYDVIFAGYPGGHICISLASGANGEACVGNTIDSNTCIDPRGNAGITVPTGATGNVFGSGNNLSQAGAIYIASPDLI
TSNRFELAVTGSFTPVLLPESGSITLSSSSTGVFRATGNRIDFSVTVNVSSISSPSGNLNIAYLPGMSGKTSSTSMFIID
YWNDLTLSSGVIPLASLNLENQDQITVYRTDGGRVLYDFSSLMKSTSSFILKGFVDFN
;
_entity_poly.pdbx_strand_id   A
#
# COMPACT_ATOMS: atom_id res chain seq x y z
N GLY A 1 0.50 54.06 -29.04
CA GLY A 1 1.21 53.59 -30.22
C GLY A 1 2.71 53.58 -30.04
N VAL A 2 3.22 52.52 -29.43
CA VAL A 2 4.57 52.51 -28.92
C VAL A 2 5.46 51.72 -29.89
N ILE A 3 6.77 51.71 -29.60
CA ILE A 3 7.78 51.20 -30.53
C ILE A 3 7.53 49.73 -30.88
N ASN A 4 7.89 49.35 -32.11
CA ASN A 4 7.84 47.95 -32.52
C ASN A 4 8.90 47.14 -31.77
N PHE A 5 8.59 45.86 -31.58
CA PHE A 5 9.49 44.96 -30.85
C PHE A 5 9.35 43.56 -31.43
N SER A 6 10.47 42.85 -31.55
CA SER A 6 10.43 41.48 -32.04
C SER A 6 11.63 40.71 -31.51
N HIS A 7 11.40 39.45 -31.14
CA HIS A 7 12.52 38.62 -30.74
C HIS A 7 13.39 38.24 -31.92
N ALA A 8 12.96 38.52 -33.15
CA ALA A 8 13.77 38.22 -34.32
C ALA A 8 14.78 39.32 -34.65
N ASP A 9 14.56 40.54 -34.19
CA ASP A 9 15.47 41.63 -34.51
C ASP A 9 16.72 41.60 -33.64
N THR A 10 17.79 42.16 -34.17
CA THR A 10 19.04 42.34 -33.43
C THR A 10 19.05 43.73 -32.84
N TYR A 11 19.26 43.82 -31.53
CA TYR A 11 19.33 45.10 -30.86
C TYR A 11 20.72 45.29 -30.27
N GLY A 12 21.05 46.54 -30.00
CA GLY A 12 22.27 46.84 -29.28
C GLY A 12 22.18 46.42 -27.82
N ASN A 13 23.35 46.16 -27.23
CA ASN A 13 23.39 45.67 -25.86
C ASN A 13 22.80 46.66 -24.88
N ASP A 14 22.79 47.95 -25.24
CA ASP A 14 22.32 49.04 -24.40
C ASP A 14 20.85 49.38 -24.60
N SER A 15 20.13 48.58 -25.37
CA SER A 15 18.82 49.01 -25.84
C SER A 15 17.70 48.44 -24.96
N VAL A 16 16.56 49.13 -25.01
CA VAL A 16 15.32 48.58 -24.45
C VAL A 16 15.07 47.18 -25.00
N GLY A 17 15.20 47.01 -26.32
CA GLY A 17 14.87 45.75 -26.95
C GLY A 17 15.72 44.58 -26.47
N ALA A 18 17.02 44.82 -26.28
CA ALA A 18 17.87 43.74 -25.76
C ALA A 18 17.42 43.32 -24.37
N HIS A 19 17.06 44.30 -23.53
CA HIS A 19 16.57 43.99 -22.20
C HIS A 19 15.30 43.16 -22.28
N LEU A 20 14.35 43.59 -23.12
CA LEU A 20 13.10 42.84 -23.28
C LEU A 20 13.33 41.45 -23.87
N GLN A 21 14.41 41.26 -24.65
CA GLN A 21 14.51 39.95 -25.30
C GLN A 21 14.84 38.81 -24.33
N ASN A 22 15.07 39.11 -23.04
CA ASN A 22 15.34 38.03 -22.09
C ASN A 22 14.09 37.25 -21.72
N VAL A 23 12.90 37.83 -21.91
CA VAL A 23 11.64 37.20 -21.58
C VAL A 23 10.78 37.13 -22.83
N VAL A 24 10.35 35.92 -23.19
CA VAL A 24 9.56 35.69 -24.40
C VAL A 24 8.12 35.36 -24.03
N TYR A 25 7.17 36.19 -24.50
CA TYR A 25 5.76 35.78 -24.51
C TYR A 25 5.39 35.26 -25.89
N PRO A 26 4.60 34.19 -26.03
CA PRO A 26 4.27 33.73 -27.39
C PRO A 26 3.43 34.71 -28.18
N THR A 27 2.84 35.71 -27.53
CA THR A 27 2.11 36.77 -28.21
C THR A 27 3.05 37.79 -28.86
N ASP A 28 4.31 37.84 -28.42
CA ASP A 28 5.30 38.75 -29.01
C ASP A 28 5.61 38.34 -30.44
N ALA A 29 6.06 39.32 -31.24
CA ALA A 29 6.57 38.96 -32.54
C ALA A 29 7.90 38.23 -32.39
N PRO A 30 8.21 37.27 -33.28
CA PRO A 30 7.50 36.90 -34.52
C PRO A 30 6.49 35.78 -34.34
N PHE A 31 6.21 35.45 -33.08
CA PHE A 31 5.38 34.28 -32.83
C PHE A 31 3.91 34.62 -32.97
N ASN A 32 3.49 35.74 -32.38
CA ASN A 32 2.16 36.33 -32.61
C ASN A 32 1.02 35.36 -32.27
N ALA A 33 1.10 34.69 -31.12
CA ALA A 33 0.03 33.75 -30.77
C ALA A 33 -1.30 34.45 -30.52
N ALA A 34 -2.39 33.79 -30.95
CA ALA A 34 -3.74 34.28 -30.67
C ALA A 34 -4.02 34.35 -29.17
N THR A 35 -4.88 35.28 -28.76
CA THR A 35 -5.26 35.46 -27.36
C THR A 35 -6.71 35.11 -27.07
N ASP A 36 -7.47 34.61 -28.06
CA ASP A 36 -8.90 34.36 -27.85
C ASP A 36 -9.21 33.04 -27.15
N GLY A 37 -8.21 32.21 -26.84
CA GLY A 37 -8.44 30.91 -26.25
C GLY A 37 -9.08 29.87 -27.14
N THR A 38 -9.38 30.18 -28.41
CA THR A 38 -10.01 29.21 -29.31
C THR A 38 -9.21 28.95 -30.57
N THR A 39 -8.44 29.93 -31.06
CA THR A 39 -7.63 29.74 -32.23
C THR A 39 -6.41 28.91 -31.88
N ASP A 40 -6.06 27.96 -32.77
CA ASP A 40 -4.89 27.12 -32.53
C ASP A 40 -3.65 27.98 -32.43
N THR A 41 -2.83 27.73 -31.41
CA THR A 41 -1.60 28.47 -31.18
C THR A 41 -0.35 27.58 -31.20
N THR A 42 -0.50 26.31 -31.57
CA THR A 42 0.59 25.34 -31.50
C THR A 42 1.81 25.79 -32.26
N VAL A 43 1.62 26.32 -33.47
CA VAL A 43 2.78 26.74 -34.25
C VAL A 43 3.51 27.87 -33.54
N ALA A 44 2.75 28.84 -33.03
CA ALA A 44 3.38 29.98 -32.36
C ALA A 44 4.12 29.53 -31.10
N ILE A 45 3.54 28.60 -30.33
CA ILE A 45 4.20 28.20 -29.09
C ILE A 45 5.41 27.32 -29.38
N LYS A 46 5.29 26.41 -30.36
CA LYS A 46 6.44 25.60 -30.74
C LYS A 46 7.60 26.47 -31.20
N SER A 47 7.30 27.53 -31.97
CA SER A 47 8.35 28.44 -32.40
CA SER A 47 8.34 28.45 -32.41
C SER A 47 8.98 29.16 -31.21
N ALA A 48 8.17 29.63 -30.27
CA ALA A 48 8.72 30.32 -29.11
C ALA A 48 9.58 29.37 -28.28
N ILE A 49 9.13 28.12 -28.09
CA ILE A 49 9.94 27.13 -27.37
C ILE A 49 11.30 26.97 -28.04
N ALA A 50 11.30 26.75 -29.36
CA ALA A 50 12.58 26.51 -30.06
C ALA A 50 13.48 27.72 -29.97
N HIS A 51 12.88 28.92 -30.05
CA HIS A 51 13.66 30.15 -29.94
C HIS A 51 14.30 30.27 -28.56
N CYS A 52 13.52 30.02 -27.50
CA CYS A 52 14.07 30.17 -26.15
C CYS A 52 15.19 29.17 -25.90
N ILE A 53 15.06 27.96 -26.45
CA ILE A 53 16.14 26.98 -26.30
C ILE A 53 17.37 27.45 -27.07
N SER A 54 17.17 27.94 -28.29
CA SER A 54 18.30 28.34 -29.12
C SER A 54 19.01 29.55 -28.52
N LYS A 55 18.26 30.53 -28.02
CA LYS A 55 18.86 31.77 -27.57
C LYS A 55 19.05 31.83 -26.06
N GLY A 56 18.67 30.78 -25.32
CA GLY A 56 18.84 30.80 -23.87
C GLY A 56 17.95 31.78 -23.13
N LYS A 57 16.68 31.87 -23.51
CA LYS A 57 15.79 32.86 -22.93
C LYS A 57 14.65 32.17 -22.18
N LYS A 58 13.96 32.98 -21.37
CA LYS A 58 12.85 32.53 -20.54
C LYS A 58 11.54 32.58 -21.32
N LEU A 59 10.75 31.52 -21.21
CA LEU A 59 9.45 31.43 -21.87
C LEU A 59 8.34 31.61 -20.85
N VAL A 60 7.47 32.59 -21.07
CA VAL A 60 6.32 32.85 -20.20
C VAL A 60 5.02 32.77 -21.00
N LEU A 61 4.13 31.85 -20.61
CA LEU A 61 2.80 31.77 -21.23
C LEU A 61 1.88 32.78 -20.56
N ASN A 62 1.34 33.72 -21.32
CA ASN A 62 0.61 34.81 -20.72
C ASN A 62 -0.88 34.72 -20.97
N HIS A 63 -1.34 33.63 -21.59
CA HIS A 63 -2.76 33.36 -21.81
C HIS A 63 -2.97 31.86 -21.68
N LEU A 64 -4.24 31.46 -21.65
CA LEU A 64 -4.59 30.06 -21.84
C LEU A 64 -4.62 29.82 -23.34
N PHE A 65 -3.67 29.04 -23.86
CA PHE A 65 -3.46 28.83 -25.30
C PHE A 65 -4.02 27.49 -25.75
N MET A 66 -4.84 27.49 -26.80
CA MET A 66 -5.32 26.23 -27.38
C MET A 66 -4.23 25.54 -28.19
N ILE A 67 -4.05 24.23 -28.00
CA ILE A 67 -3.02 23.50 -28.74
C ILE A 67 -3.60 22.21 -29.30
N THR A 68 -3.02 21.73 -30.40
CA THR A 68 -3.45 20.48 -31.01
C THR A 68 -2.31 19.50 -31.26
N ASP A 69 -1.09 19.81 -30.82
CA ASP A 69 0.00 18.85 -30.85
C ASP A 69 0.84 19.04 -29.60
N THR A 70 1.58 17.99 -29.25
CA THR A 70 2.42 17.97 -28.03
C THR A 70 3.41 19.12 -28.04
N LEU A 71 3.47 19.86 -26.94
CA LEU A 71 4.59 20.78 -26.71
C LEU A 71 5.71 20.02 -26.02
N VAL A 72 6.90 20.06 -26.61
CA VAL A 72 8.06 19.33 -26.07
C VAL A 72 8.95 20.33 -25.35
N ILE A 73 9.04 20.20 -24.03
CA ILE A 73 9.86 21.07 -23.20
CA ILE A 73 9.86 21.07 -23.20
C ILE A 73 11.16 20.32 -22.91
N SER A 74 12.22 20.71 -23.60
CA SER A 74 13.45 19.95 -23.58
C SER A 74 14.59 20.88 -23.27
N ASP A 75 15.79 20.31 -23.15
CA ASP A 75 17.02 21.11 -23.13
C ASP A 75 17.12 22.06 -21.93
N GLY A 76 16.44 21.73 -20.82
CA GLY A 76 16.51 22.60 -19.65
C GLY A 76 15.58 23.79 -19.70
N LEU A 77 14.74 23.87 -20.72
CA LEU A 77 13.76 24.96 -20.78
C LEU A 77 12.79 24.88 -19.62
N HIS A 78 12.48 26.03 -19.01
CA HIS A 78 11.36 26.16 -18.07
C HIS A 78 10.23 26.94 -18.72
N VAL A 79 9.01 26.42 -18.61
CA VAL A 79 7.82 27.16 -19.00
C VAL A 79 7.24 27.78 -17.75
N GLU A 80 7.11 29.10 -17.73
CA GLU A 80 6.51 29.81 -16.61
C GLU A 80 5.14 30.28 -17.06
N CYS A 81 4.12 30.00 -16.27
CA CYS A 81 2.81 30.57 -16.58
C CYS A 81 2.68 31.91 -15.86
N LEU A 82 2.25 32.94 -16.61
CA LEU A 82 2.20 34.29 -16.05
C LEU A 82 1.26 34.37 -14.85
N THR A 83 0.11 33.69 -14.95
CA THR A 83 -0.92 33.73 -13.92
C THR A 83 -1.48 32.33 -13.78
N SER A 84 -2.30 32.17 -12.74
CA SER A 84 -2.91 30.87 -12.54
C SER A 84 -3.92 30.52 -13.63
N ASP A 85 -4.34 31.47 -14.44
CA ASP A 85 -5.24 31.17 -15.55
C ASP A 85 -4.52 30.92 -16.86
N SER A 86 -3.20 31.06 -16.90
CA SER A 86 -2.45 30.87 -18.13
C SER A 86 -2.10 29.38 -18.28
N GLY A 87 -1.69 29.01 -19.49
CA GLY A 87 -1.28 27.62 -19.70
C GLY A 87 -1.80 27.11 -21.02
N VAL A 88 -2.21 25.84 -21.12
CA VAL A 88 -2.68 25.32 -22.40
C VAL A 88 -3.98 24.56 -22.20
N LYS A 89 -4.84 24.66 -23.22
CA LYS A 89 -6.05 23.86 -23.32
C LYS A 89 -5.78 22.87 -24.44
N SER A 90 -5.88 21.59 -24.15
CA SER A 90 -5.37 20.58 -25.08
C SER A 90 -6.48 19.97 -25.93
N ASP A 91 -6.33 20.12 -27.25
CA ASP A 91 -7.09 19.37 -28.24
CA ASP A 91 -7.10 19.36 -28.23
C ASP A 91 -6.20 18.36 -28.95
N VAL A 92 -5.17 17.88 -28.26
CA VAL A 92 -4.24 16.91 -28.83
C VAL A 92 -4.94 15.58 -28.98
N PRO A 93 -4.73 14.85 -30.08
CA PRO A 93 -5.44 13.59 -30.31
C PRO A 93 -4.93 12.44 -29.44
N ALA A 94 -5.75 11.39 -29.38
CA ALA A 94 -5.39 10.15 -28.69
C ALA A 94 -4.03 9.61 -29.13
N GLY A 95 -3.23 9.18 -28.16
CA GLY A 95 -1.92 8.63 -28.43
C GLY A 95 -0.77 9.59 -28.18
N LYS A 96 -1.08 10.86 -27.97
CA LYS A 96 -0.07 11.86 -27.68
C LYS A 96 -0.46 12.60 -26.41
N PHE A 97 0.54 13.20 -25.77
CA PHE A 97 0.34 14.02 -24.59
C PHE A 97 0.21 15.49 -24.97
N ALA A 98 -0.41 16.25 -24.08
CA ALA A 98 -0.45 17.71 -24.24
C ALA A 98 0.95 18.29 -24.13
N VAL A 99 1.72 17.86 -23.13
CA VAL A 99 3.04 18.40 -22.84
C VAL A 99 3.97 17.23 -22.54
N LYS A 100 5.15 17.25 -23.16
CA LYS A 100 6.20 16.27 -22.89
C LYS A 100 7.42 17.00 -22.39
N ILE A 101 7.92 16.58 -21.24
CA ILE A 101 9.07 17.22 -20.60
C ILE A 101 10.20 16.23 -20.61
N THR A 102 11.37 16.65 -21.10
CA THR A 102 12.50 15.72 -21.23
C THR A 102 13.79 16.54 -21.11
N GLY A 103 14.92 15.83 -20.99
CA GLY A 103 16.21 16.49 -20.81
C GLY A 103 16.51 16.79 -19.36
N ALA A 104 17.57 17.55 -19.16
CA ALA A 104 18.05 17.81 -17.82
C ALA A 104 17.49 19.14 -17.33
N ASN A 105 16.76 19.11 -16.21
CA ASN A 105 16.29 20.32 -15.53
C ASN A 105 15.22 21.07 -16.32
N SER A 106 14.48 20.42 -17.23
CA SER A 106 13.35 21.08 -17.90
C SER A 106 12.13 21.06 -17.00
N GLY A 107 11.20 21.98 -17.20
CA GLY A 107 10.05 21.97 -16.29
C GLY A 107 9.00 23.00 -16.62
N TRP A 108 7.98 23.04 -15.77
CA TRP A 108 6.77 23.82 -15.98
C TRP A 108 6.34 24.38 -14.63
N PHE A 109 6.10 25.70 -14.56
CA PHE A 109 5.65 26.37 -13.35
C PHE A 109 4.24 26.91 -13.57
N GLY A 110 3.33 26.59 -12.65
CA GLY A 110 2.11 27.35 -12.53
C GLY A 110 1.04 27.01 -13.56
N GLY A 111 0.00 27.85 -13.55
CA GLY A 111 -1.01 27.79 -14.61
C GLY A 111 -1.79 26.49 -14.64
N LYS A 112 -2.23 26.15 -15.85
CA LYS A 112 -3.23 25.11 -16.14
C LYS A 112 -2.81 24.30 -17.36
N ILE A 113 -3.04 22.99 -17.32
CA ILE A 113 -2.91 22.11 -18.47
C ILE A 113 -4.22 21.33 -18.52
N LEU A 114 -5.11 21.69 -19.46
CA LEU A 114 -6.51 21.30 -19.39
C LEU A 114 -6.89 20.41 -20.57
N GLY A 115 -7.41 19.21 -20.27
CA GLY A 115 -7.98 18.34 -21.28
C GLY A 115 -9.45 18.65 -21.54
N LYS A 116 -10.04 17.89 -22.48
CA LYS A 116 -11.44 18.12 -22.84
C LYS A 116 -12.40 17.90 -21.69
N ASN A 117 -12.05 17.05 -20.72
CA ASN A 117 -12.89 16.83 -19.53
C ASN A 117 -14.29 16.31 -19.89
N LEU A 118 -14.34 15.29 -20.75
CA LEU A 118 -15.60 14.65 -21.16
C LEU A 118 -15.58 13.19 -20.71
N PRO A 119 -15.58 12.93 -19.40
CA PRO A 119 -15.43 11.52 -18.94
C PRO A 119 -16.61 10.64 -19.31
N GLU A 120 -17.73 11.22 -19.73
CA GLU A 120 -18.81 10.38 -20.23
C GLU A 120 -18.65 9.99 -21.68
N SER A 121 -17.74 10.61 -22.42
CA SER A 121 -17.57 10.28 -23.83
C SER A 121 -16.95 8.90 -24.01
N THR A 122 -17.55 8.07 -24.87
CA THR A 122 -16.98 6.79 -25.20
C THR A 122 -15.96 6.87 -26.31
N THR A 123 -15.65 8.07 -26.81
CA THR A 123 -14.67 8.21 -27.88
C THR A 123 -13.49 9.12 -27.57
N VAL A 124 -13.63 10.11 -26.68
CA VAL A 124 -12.50 11.00 -26.39
C VAL A 124 -11.47 10.25 -25.55
N ARG A 125 -10.21 10.26 -25.99
CA ARG A 125 -9.07 9.70 -25.26
C ARG A 125 -7.89 10.66 -25.30
N GLN A 126 -7.34 11.02 -24.14
CA GLN A 126 -6.27 12.03 -24.10
C GLN A 126 -5.35 11.74 -22.92
N ASP A 127 -4.16 12.34 -22.97
CA ASP A 127 -3.13 12.21 -21.94
C ASP A 127 -2.56 13.58 -21.68
N GLY A 128 -2.22 13.87 -20.41
CA GLY A 128 -1.82 15.23 -20.07
C GLY A 128 -0.34 15.53 -20.18
N VAL A 129 0.42 15.25 -19.12
CA VAL A 129 1.85 15.58 -19.02
C VAL A 129 2.65 14.29 -18.97
N LEU A 130 3.69 14.20 -19.80
CA LEU A 130 4.62 13.07 -19.77
C LEU A 130 6.02 13.56 -19.44
N PHE A 131 6.64 12.95 -18.42
CA PHE A 131 8.09 13.06 -18.24
C PHE A 131 8.67 11.78 -18.82
N ASP A 132 9.39 11.90 -19.94
CA ASP A 132 9.78 10.66 -20.62
C ASP A 132 11.06 10.10 -20.01
N GLU A 133 11.56 9.01 -20.62
CA GLU A 133 12.65 8.25 -20.05
C GLU A 133 13.96 9.02 -20.05
N ASN A 134 14.03 10.14 -20.76
CA ASN A 134 15.22 10.96 -20.80
C ASN A 134 15.08 12.22 -19.96
N ALA A 135 14.03 12.30 -19.14
CA ALA A 135 13.90 13.39 -18.18
C ALA A 135 14.81 13.13 -16.97
N GLU A 136 15.63 14.13 -16.63
CA GLU A 136 16.50 14.07 -15.47
C GLU A 136 16.28 15.33 -14.66
N TYR A 137 15.83 15.18 -13.40
CA TYR A 137 15.61 16.31 -12.51
C TYR A 137 14.68 17.35 -13.13
N CYS A 138 13.66 16.90 -13.85
CA CYS A 138 12.65 17.78 -14.40
C CYS A 138 11.56 18.02 -13.34
N PHE A 139 10.62 18.91 -13.65
CA PHE A 139 9.59 19.22 -12.64
C PHE A 139 8.33 19.78 -13.27
N ILE A 140 7.24 19.66 -12.50
CA ILE A 140 6.03 20.47 -12.73
C ILE A 140 5.54 20.89 -11.35
N THR A 141 5.34 22.20 -11.15
CA THR A 141 5.05 22.72 -9.81
C THR A 141 3.98 23.79 -9.91
N GLY A 142 2.93 23.65 -9.10
CA GLY A 142 1.94 24.72 -9.01
C GLY A 142 0.90 24.71 -10.11
N THR A 143 0.66 23.56 -10.75
CA THR A 143 -0.13 23.47 -11.97
C THR A 143 -1.40 22.66 -11.77
N GLU A 144 -2.49 23.12 -12.39
CA GLU A 144 -3.75 22.38 -12.42
C GLU A 144 -3.76 21.53 -13.68
N VAL A 145 -3.66 20.21 -13.54
CA VAL A 145 -3.62 19.27 -14.67
C VAL A 145 -4.89 18.46 -14.57
N THR A 146 -5.89 18.75 -15.41
CA THR A 146 -7.19 18.14 -15.20
C THR A 146 -7.80 17.78 -16.55
N GLY A 147 -8.75 16.85 -16.50
CA GLY A 147 -9.63 16.62 -17.63
C GLY A 147 -9.14 15.66 -18.68
N PHE A 148 -8.15 14.82 -18.38
CA PHE A 148 -7.65 13.82 -19.32
C PHE A 148 -8.30 12.48 -19.00
N PHE A 149 -9.11 11.99 -19.95
CA PHE A 149 -9.91 10.80 -19.70
C PHE A 149 -9.86 9.91 -20.94
N ALA A 150 -10.38 8.69 -20.79
CA ALA A 150 -10.33 7.72 -21.88
C ALA A 150 -11.18 6.52 -21.48
N LYS A 151 -12.45 6.46 -21.93
CA LYS A 151 -13.36 5.45 -21.40
C LYS A 151 -13.06 4.08 -22.01
N GLY A 152 -12.88 3.10 -21.15
CA GLY A 152 -12.41 1.80 -21.58
C GLY A 152 -10.90 1.70 -21.58
N LEU A 153 -10.40 0.51 -21.25
CA LEU A 153 -8.96 0.35 -21.13
C LEU A 153 -8.27 0.39 -22.49
N HIS A 154 -7.07 0.97 -22.49
CA HIS A 154 -6.19 0.91 -23.63
C HIS A 154 -5.64 -0.50 -23.79
N THR A 155 -5.21 -0.81 -25.01
CA THR A 155 -4.34 -1.95 -25.25
C THR A 155 -2.88 -1.56 -25.32
N SER A 156 -2.59 -0.31 -25.69
CA SER A 156 -1.23 0.21 -25.70
C SER A 156 -1.31 1.71 -25.49
N ASP A 157 -0.15 2.33 -25.18
CA ASP A 157 -0.11 3.78 -24.99
C ASP A 157 -0.63 4.54 -26.21
N ALA A 158 -0.44 3.98 -27.42
CA ALA A 158 -0.87 4.70 -28.62
C ALA A 158 -2.39 4.88 -28.69
N ASP A 159 -3.16 4.12 -27.89
CA ASP A 159 -4.60 4.31 -27.85
C ASP A 159 -5.01 5.56 -27.10
N GLY A 160 -4.11 6.09 -26.27
CA GLY A 160 -4.48 7.13 -25.32
C GLY A 160 -4.93 6.48 -24.03
N VAL A 161 -4.39 6.91 -22.88
CA VAL A 161 -4.58 6.19 -21.63
C VAL A 161 -5.48 6.92 -20.64
N GLY A 162 -5.46 8.25 -20.61
CA GLY A 162 -6.15 9.01 -19.59
C GLY A 162 -5.26 9.41 -18.42
N TYR A 163 -3.95 9.46 -18.62
CA TYR A 163 -3.03 9.96 -17.59
C TYR A 163 -3.19 11.47 -17.42
N GLY A 164 -3.17 11.92 -16.17
CA GLY A 164 -3.00 13.33 -15.89
C GLY A 164 -1.54 13.69 -15.99
N ILE A 165 -0.69 13.12 -15.11
CA ILE A 165 0.76 13.27 -15.19
C ILE A 165 1.36 11.87 -15.14
N TYR A 166 2.20 11.53 -16.11
CA TYR A 166 2.90 10.27 -16.16
C TYR A 166 4.40 10.51 -16.10
N ASP A 167 5.03 10.01 -15.05
CA ASP A 167 6.46 10.25 -14.86
C ASP A 167 7.22 8.96 -15.14
N LYS A 168 8.03 8.96 -16.21
CA LYS A 168 9.02 7.90 -16.42
C LYS A 168 10.46 8.38 -16.25
N GLY A 169 10.67 9.56 -15.65
CA GLY A 169 11.99 10.17 -15.58
C GLY A 169 12.76 9.79 -14.33
N TYR A 170 13.93 10.40 -14.17
CA TYR A 170 14.79 10.24 -12.99
C TYR A 170 14.72 11.56 -12.20
N GLY A 171 14.34 11.48 -10.93
CA GLY A 171 14.38 12.68 -10.12
C GLY A 171 13.31 13.72 -10.39
N THR A 172 12.17 13.31 -10.94
CA THR A 172 11.12 14.27 -11.27
C THR A 172 10.44 14.80 -10.03
N LEU A 173 10.26 16.11 -9.95
CA LEU A 173 9.48 16.77 -8.91
C LEU A 173 8.07 17.05 -9.43
N ILE A 174 7.05 16.58 -8.71
CA ILE A 174 5.65 16.94 -8.99
C ILE A 174 5.17 17.55 -7.68
N SER A 175 4.93 18.86 -7.65
CA SER A 175 4.62 19.46 -6.34
C SER A 175 3.62 20.60 -6.47
N LYS A 176 2.80 20.76 -5.44
CA LYS A 176 1.80 21.84 -5.39
C LYS A 176 0.88 21.83 -6.61
N CYS A 177 0.60 20.65 -7.17
CA CYS A 177 -0.27 20.53 -8.34
C CYS A 177 -1.65 20.05 -7.91
N TYR A 178 -2.64 20.26 -8.79
CA TYR A 178 -3.94 19.62 -8.68
C TYR A 178 -4.05 18.66 -9.85
N ALA A 179 -4.11 17.35 -9.59
CA ALA A 179 -4.12 16.34 -10.65
C ALA A 179 -5.45 15.58 -10.58
N ASN A 180 -6.21 15.62 -11.66
CA ASN A 180 -7.56 15.04 -11.66
C ASN A 180 -7.75 14.51 -13.08
N SER A 181 -7.74 13.18 -13.24
CA SER A 181 -7.83 12.55 -14.56
C SER A 181 -8.14 11.07 -14.31
N LYS A 182 -8.29 10.29 -15.38
CA LYS A 182 -8.66 8.88 -15.19
C LYS A 182 -7.66 8.18 -14.29
N PHE A 183 -6.36 8.34 -14.59
CA PHE A 183 -5.27 7.97 -13.68
C PHE A 183 -4.62 9.31 -13.34
N CYS A 184 -4.81 9.81 -12.11
CA CYS A 184 -4.40 11.21 -11.89
C CYS A 184 -2.91 11.38 -12.05
N VAL A 185 -2.12 10.56 -11.35
CA VAL A 185 -0.67 10.58 -11.44
C VAL A 185 -0.22 9.14 -11.64
N ALA A 186 0.71 8.92 -12.57
CA ALA A 186 1.27 7.59 -12.83
C ALA A 186 2.78 7.64 -12.71
N LEU A 187 3.36 6.67 -11.98
CA LEU A 187 4.78 6.71 -11.64
C LEU A 187 5.45 5.47 -12.21
N GLY A 188 6.46 5.68 -13.03
CA GLY A 188 7.16 4.55 -13.64
C GLY A 188 8.64 4.86 -13.75
N GLY A 189 9.12 5.82 -12.95
CA GLY A 189 10.49 6.25 -13.00
C GLY A 189 11.24 5.97 -11.71
N THR A 190 12.28 6.76 -11.46
CA THR A 190 13.18 6.53 -10.33
C THR A 190 13.47 7.86 -9.65
N GLU A 191 13.40 7.86 -8.30
CA GLU A 191 13.87 8.97 -7.44
C GLU A 191 13.01 10.23 -7.57
N GLY A 192 11.73 10.06 -7.94
CA GLY A 192 10.84 11.21 -8.05
C GLY A 192 10.37 11.67 -6.66
N ARG A 193 9.80 12.87 -6.63
CA ARG A 193 9.31 13.46 -5.40
C ARG A 193 7.92 14.02 -5.70
N VAL A 194 6.91 13.40 -5.11
CA VAL A 194 5.52 13.76 -5.36
C VAL A 194 5.02 14.39 -4.07
N LEU A 195 5.04 15.74 -3.99
CA LEU A 195 4.93 16.46 -2.72
C LEU A 195 3.80 17.48 -2.74
N LYS A 196 2.97 17.43 -1.69
CA LYS A 196 1.96 18.46 -1.39
C LYS A 196 1.07 18.74 -2.60
N ASN A 197 0.56 17.66 -3.21
CA ASN A 197 -0.40 17.76 -4.30
C ASN A 197 -1.80 17.45 -3.81
N ARG A 198 -2.78 17.94 -4.57
CA ARG A 198 -4.18 17.58 -4.41
C ARG A 198 -4.50 16.60 -5.53
N ILE A 199 -4.91 15.38 -5.16
CA ILE A 199 -5.07 14.31 -6.12
C ILE A 199 -6.46 13.70 -5.96
N THR A 200 -7.28 13.82 -7.01
CA THR A 200 -8.61 13.19 -6.96
C THR A 200 -9.17 13.14 -8.37
N ASN A 201 -10.00 12.13 -8.66
CA ASN A 201 -10.87 12.26 -9.83
C ASN A 201 -12.35 12.28 -9.45
N ASN A 202 -12.66 12.47 -8.18
CA ASN A 202 -14.04 12.75 -7.75
C ASN A 202 -15.03 11.72 -8.29
N TYR A 203 -14.71 10.44 -8.14
CA TYR A 203 -15.63 9.40 -8.55
C TYR A 203 -16.99 9.51 -7.85
N LEU A 204 -16.98 9.88 -6.56
CA LEU A 204 -18.20 9.90 -5.77
C LEU A 204 -19.23 10.90 -6.28
N THR A 205 -18.79 11.99 -6.90
CA THR A 205 -19.70 12.99 -7.43
C THR A 205 -19.71 13.00 -8.96
N SER A 206 -19.21 11.93 -9.59
CA SER A 206 -19.10 11.90 -11.06
C SER A 206 -20.42 11.65 -11.75
N GLY A 207 -21.33 10.91 -11.12
CA GLY A 207 -22.53 10.41 -11.79
C GLY A 207 -22.31 9.22 -12.69
N GLU A 208 -21.09 8.70 -12.79
CA GLU A 208 -20.87 7.49 -13.56
C GLU A 208 -21.60 6.34 -12.89
N ALA A 209 -22.35 5.57 -13.68
CA ALA A 209 -23.16 4.49 -13.13
C ALA A 209 -22.31 3.43 -12.43
N LYS A 210 -22.79 2.96 -11.29
CA LYS A 210 -22.19 1.91 -10.49
C LYS A 210 -22.86 0.58 -10.81
N PRO A 211 -22.20 -0.57 -10.52
CA PRO A 211 -20.89 -0.74 -9.85
C PRO A 211 -19.72 -0.31 -10.73
N TRP A 212 -18.59 -0.09 -10.06
CA TRP A 212 -17.36 0.15 -10.79
C TRP A 212 -16.98 -1.09 -11.58
N SER A 213 -16.38 -0.86 -12.75
CA SER A 213 -15.87 -1.95 -13.59
C SER A 213 -14.70 -1.42 -14.39
N TRP A 214 -14.00 -2.32 -15.06
CA TRP A 214 -12.85 -1.96 -15.89
C TRP A 214 -13.17 -0.96 -16.98
N ALA A 215 -14.45 -0.72 -17.29
CA ALA A 215 -14.83 0.30 -18.26
C ALA A 215 -14.90 1.69 -17.67
N SER A 216 -14.71 1.83 -16.36
CA SER A 216 -14.81 3.14 -15.73
C SER A 216 -13.80 4.15 -16.27
N ASN A 217 -14.16 5.42 -16.22
CA ASN A 217 -13.21 6.49 -16.50
C ASN A 217 -12.54 7.03 -15.23
N TYR A 218 -12.61 6.28 -14.13
CA TYR A 218 -12.13 6.78 -12.84
C TYR A 218 -11.29 5.68 -12.17
N TRP A 219 -9.97 5.81 -12.26
CA TRP A 219 -9.11 4.83 -11.63
C TRP A 219 -8.34 5.50 -10.48
N ASP A 220 -7.06 5.17 -10.31
CA ASP A 220 -6.32 5.54 -9.11
C ASP A 220 -5.90 7.01 -9.06
N GLY A 221 -5.64 7.49 -7.82
CA GLY A 221 -5.01 8.77 -7.63
C GLY A 221 -3.56 8.69 -8.09
N ILE A 222 -2.81 7.74 -7.52
CA ILE A 222 -1.43 7.47 -7.92
C ILE A 222 -1.35 6.00 -8.30
N VAL A 223 -0.97 5.72 -9.54
CA VAL A 223 -0.78 4.33 -10.01
C VAL A 223 0.69 4.15 -10.34
N SER A 224 1.34 3.15 -9.73
CA SER A 224 2.78 3.01 -9.86
C SER A 224 3.14 1.61 -10.29
N GLU A 225 4.01 1.50 -11.30
CA GLU A 225 4.59 0.23 -11.76
C GLU A 225 6.01 0.54 -12.19
N ASN A 226 6.98 -0.26 -11.72
CA ASN A 226 8.40 0.01 -11.98
C ASN A 226 8.83 1.33 -11.34
N ALA A 227 8.20 1.68 -10.21
CA ALA A 227 8.53 2.91 -9.51
C ALA A 227 9.58 2.58 -8.44
N HIS A 228 10.68 3.34 -8.46
CA HIS A 228 11.77 3.14 -7.50
C HIS A 228 12.16 4.43 -6.81
N ARG A 229 12.34 4.34 -5.49
CA ARG A 229 12.91 5.44 -4.69
C ARG A 229 12.14 6.75 -4.81
N TYR A 230 10.80 6.68 -4.94
CA TYR A 230 10.00 7.91 -4.82
C TYR A 230 9.82 8.27 -3.37
N VAL A 231 9.61 9.57 -3.09
CA VAL A 231 9.00 10.01 -1.84
C VAL A 231 7.67 10.61 -2.21
N ILE A 232 6.61 10.14 -1.56
CA ILE A 232 5.24 10.59 -1.82
C ILE A 232 4.79 11.16 -0.48
N ALA A 233 4.77 12.50 -0.35
CA ALA A 233 4.55 13.09 0.97
C ALA A 233 3.61 14.29 0.89
N PHE A 234 2.80 14.46 1.93
CA PHE A 234 2.00 15.68 2.16
C PHE A 234 0.88 15.83 1.13
N ASN A 235 0.54 14.77 0.40
CA ASN A 235 -0.55 14.87 -0.57
C ASN A 235 -1.90 14.68 0.10
N ASP A 236 -2.93 15.22 -0.54
CA ASP A 236 -4.33 15.11 -0.13
C ASP A 236 -4.97 14.27 -1.23
N VAL A 237 -5.20 12.97 -0.97
CA VAL A 237 -5.64 12.04 -2.01
C VAL A 237 -7.02 11.50 -1.64
N SER A 238 -8.03 11.74 -2.46
CA SER A 238 -9.34 11.32 -2.00
C SER A 238 -10.29 11.04 -3.14
N ALA A 239 -11.36 10.29 -2.80
CA ALA A 239 -12.54 10.13 -3.65
C ALA A 239 -12.16 9.64 -5.05
N CYS A 240 -11.15 8.74 -5.13
CA CYS A 240 -10.75 8.21 -6.43
C CYS A 240 -11.59 6.99 -6.81
N GLY A 241 -11.64 6.71 -8.11
CA GLY A 241 -12.42 5.57 -8.57
C GLY A 241 -11.79 4.23 -8.25
N GLN A 242 -10.46 4.18 -8.07
CA GLN A 242 -9.84 2.96 -7.57
C GLN A 242 -9.09 3.33 -6.31
N SER A 243 -7.80 3.07 -6.23
CA SER A 243 -7.10 3.27 -4.97
C SER A 243 -6.48 4.68 -4.92
N GLY A 244 -6.20 5.14 -3.70
CA GLY A 244 -5.57 6.45 -3.57
C GLY A 244 -4.13 6.42 -4.02
N ILE A 245 -3.32 5.53 -3.44
CA ILE A 245 -1.90 5.43 -3.75
C ILE A 245 -1.60 3.95 -3.96
N TYR A 246 -1.29 3.56 -5.20
CA TYR A 246 -1.14 2.15 -5.55
C TYR A 246 0.24 1.85 -6.12
N PHE A 247 0.86 0.74 -5.68
CA PHE A 247 2.11 0.23 -6.23
C PHE A 247 1.94 -1.23 -6.60
N GLY A 248 2.33 -1.59 -7.83
CA GLY A 248 2.39 -2.98 -8.24
C GLY A 248 3.71 -3.29 -8.94
N GLY A 249 3.85 -4.54 -9.41
CA GLY A 249 2.95 -5.64 -9.09
C GLY A 249 2.10 -6.12 -10.25
N ASN A 250 1.90 -5.28 -11.27
CA ASN A 250 1.10 -5.68 -12.43
C ASN A 250 1.92 -5.33 -13.66
N GLY A 251 3.00 -6.09 -13.89
CA GLY A 251 3.99 -5.66 -14.86
C GLY A 251 4.88 -4.58 -14.33
N GLY A 252 5.19 -4.60 -13.04
CA GLY A 252 6.00 -3.55 -12.46
C GLY A 252 6.85 -4.11 -11.36
N TYR A 253 8.07 -3.63 -11.28
CA TYR A 253 9.02 -3.96 -10.21
C TYR A 253 9.17 -2.67 -9.41
N SER A 254 8.43 -2.53 -8.30
CA SER A 254 8.38 -1.26 -7.58
C SER A 254 9.02 -1.40 -6.21
N THR A 255 10.10 -0.66 -5.97
CA THR A 255 10.89 -0.88 -4.75
C THR A 255 11.33 0.42 -4.12
N ASP A 256 11.51 0.38 -2.80
CA ASP A 256 12.26 1.42 -2.10
C ASP A 256 11.56 2.78 -2.15
N ASN A 257 10.24 2.80 -2.18
CA ASN A 257 9.47 4.04 -2.18
C ASN A 257 9.09 4.39 -0.74
N ILE A 258 8.86 5.68 -0.49
CA ILE A 258 8.59 6.18 0.87
C ILE A 258 7.30 7.01 0.79
N ILE A 259 6.24 6.52 1.43
CA ILE A 259 4.90 7.09 1.33
C ILE A 259 4.56 7.60 2.73
N VAL A 260 4.65 8.93 2.96
CA VAL A 260 4.67 9.47 4.32
CA VAL A 260 4.68 9.46 4.32
C VAL A 260 3.81 10.72 4.43
N ASN A 261 3.08 10.83 5.55
CA ASN A 261 2.41 12.05 5.94
C ASN A 261 1.42 12.52 4.87
N ASN A 262 0.67 11.57 4.28
CA ASN A 262 -0.41 11.91 3.35
C ASN A 262 -1.74 11.67 4.04
N THR A 263 -2.79 12.29 3.50
CA THR A 263 -4.16 11.97 3.90
C THR A 263 -4.81 11.24 2.74
N VAL A 264 -5.40 10.07 2.97
CA VAL A 264 -5.92 9.27 1.87
C VAL A 264 -7.28 8.75 2.29
N TYR A 265 -8.33 9.16 1.58
CA TYR A 265 -9.65 8.90 2.13
C TYR A 265 -10.70 8.78 1.03
N ALA A 266 -11.75 8.02 1.34
CA ALA A 266 -12.95 7.97 0.52
C ALA A 266 -12.72 7.38 -0.87
N CYS A 267 -11.67 6.58 -1.05
CA CYS A 267 -11.45 5.97 -2.36
C CYS A 267 -12.29 4.71 -2.52
N TRP A 268 -12.61 4.38 -3.78
CA TRP A 268 -13.54 3.27 -4.04
C TRP A 268 -12.85 1.91 -3.97
N ASN A 269 -11.52 1.86 -4.12
CA ASN A 269 -10.80 0.61 -3.88
C ASN A 269 -10.07 0.73 -2.54
N ARG A 270 -8.74 0.77 -2.50
CA ARG A 270 -8.03 0.85 -1.22
C ARG A 270 -7.43 2.24 -1.03
N GLY A 271 -6.99 2.53 0.20
CA GLY A 271 -6.33 3.82 0.42
C GLY A 271 -4.92 3.78 -0.10
N ILE A 272 -4.04 3.09 0.63
CA ILE A 272 -2.68 2.84 0.20
C ILE A 272 -2.61 1.36 -0.12
N ASP A 273 -2.28 1.01 -1.36
CA ASP A 273 -2.54 -0.28 -1.97
C ASP A 273 -1.23 -0.80 -2.53
N MET A 274 -0.63 -1.83 -1.92
CA MET A 274 0.59 -2.41 -2.44
C MET A 274 0.30 -3.88 -2.72
N GLY A 275 0.46 -4.31 -3.96
CA GLY A 275 0.14 -5.72 -4.15
C GLY A 275 0.54 -6.24 -5.51
N LEU A 276 0.54 -7.58 -5.61
CA LEU A 276 0.88 -8.28 -6.85
C LEU A 276 -0.41 -8.80 -7.49
N PHE A 277 -0.64 -8.39 -8.73
CA PHE A 277 -1.73 -8.89 -9.56
C PHE A 277 -1.22 -9.90 -10.57
N SER A 278 -0.15 -9.57 -11.28
CA SER A 278 0.63 -10.49 -12.10
C SER A 278 1.51 -11.34 -11.20
N GLU A 279 1.92 -12.49 -11.71
CA GLU A 279 2.68 -13.38 -10.86
C GLU A 279 4.06 -12.80 -10.54
N LYS A 280 4.55 -13.12 -9.35
CA LYS A 280 5.84 -12.63 -8.89
C LYS A 280 6.98 -13.09 -9.81
N SER A 281 7.89 -12.19 -10.09
CA SER A 281 9.04 -12.50 -10.93
C SER A 281 10.16 -11.53 -10.61
N ALA A 282 11.30 -11.73 -11.27
CA ALA A 282 12.41 -10.79 -11.18
C ALA A 282 12.05 -9.42 -11.73
N THR A 283 10.98 -9.31 -12.50
CA THR A 283 10.56 -8.04 -13.08
C THR A 283 9.16 -7.65 -12.63
N ASN A 284 8.61 -8.36 -11.64
CA ASN A 284 7.27 -8.02 -11.14
C ASN A 284 7.24 -8.30 -9.64
N ASP A 285 7.26 -7.24 -8.82
CA ASP A 285 7.30 -7.45 -7.37
C ASP A 285 7.10 -6.09 -6.75
N VAL A 286 6.86 -6.09 -5.44
CA VAL A 286 6.67 -4.85 -4.68
C VAL A 286 7.46 -5.06 -3.40
N LEU A 287 8.59 -4.34 -3.26
CA LEU A 287 9.55 -4.60 -2.17
C LEU A 287 9.99 -3.34 -1.45
N ARG A 288 10.18 -3.45 -0.13
CA ARG A 288 10.96 -2.45 0.63
C ARG A 288 10.33 -1.07 0.54
N ASN A 289 9.01 -1.00 0.52
CA ASN A 289 8.35 0.30 0.60
C ASN A 289 8.00 0.63 2.05
N ILE A 290 8.05 1.93 2.35
CA ILE A 290 7.82 2.45 3.70
C ILE A 290 6.51 3.23 3.66
N ILE A 291 5.56 2.87 4.55
CA ILE A 291 4.26 3.56 4.68
C ILE A 291 4.20 4.11 6.10
N LYS A 292 4.41 5.42 6.27
CA LYS A 292 4.62 5.95 7.64
C LYS A 292 3.86 7.24 7.87
N GLY A 293 3.21 7.34 9.03
CA GLY A 293 2.66 8.62 9.43
C GLY A 293 1.57 9.15 8.53
N ASN A 294 0.81 8.28 7.88
CA ASN A 294 -0.33 8.70 7.06
C ASN A 294 -1.62 8.60 7.86
N ASN A 295 -2.63 9.36 7.42
CA ASN A 295 -3.99 9.27 7.97
C ASN A 295 -4.85 8.72 6.82
N THR A 296 -5.33 7.48 6.98
CA THR A 296 -6.09 6.83 5.92
C THR A 296 -7.46 6.45 6.48
N TYR A 297 -8.54 6.85 5.80
CA TYR A 297 -9.86 6.53 6.36
C TYR A 297 -10.95 6.40 5.31
N ASN A 298 -11.96 5.59 5.68
CA ASN A 298 -13.13 5.38 4.85
C ASN A 298 -12.75 5.09 3.39
N ASN A 299 -11.80 4.16 3.19
CA ASN A 299 -11.56 3.62 1.87
C ASN A 299 -12.28 2.28 1.74
N ARG A 300 -13.03 2.13 0.65
CA ARG A 300 -14.09 1.10 0.62
C ARG A 300 -13.53 -0.31 0.81
N GLU A 301 -12.43 -0.65 0.12
CA GLU A 301 -11.93 -2.02 0.15
C GLU A 301 -10.66 -2.18 0.98
N ASN A 302 -10.46 -1.30 1.96
CA ASN A 302 -9.50 -1.36 3.07
C ASN A 302 -8.57 -0.17 2.98
N ASN A 303 -8.18 0.36 4.14
CA ASN A 303 -7.41 1.60 4.16
C ASN A 303 -5.96 1.37 3.71
N ILE A 304 -5.27 0.39 4.32
CA ILE A 304 -3.90 0.07 3.97
C ILE A 304 -3.89 -1.42 3.62
N TRP A 305 -3.48 -1.75 2.40
CA TRP A 305 -3.66 -3.08 1.83
C TRP A 305 -2.31 -3.58 1.33
N LEU A 306 -1.86 -4.75 1.82
CA LEU A 306 -0.63 -5.38 1.38
C LEU A 306 -0.98 -6.77 0.83
N ALA A 307 -0.69 -7.02 -0.43
CA ALA A 307 -1.08 -8.31 -1.02
C ALA A 307 0.13 -8.96 -1.68
N GLY A 308 0.75 -9.90 -0.99
CA GLY A 308 1.87 -10.62 -1.59
C GLY A 308 3.15 -9.84 -1.69
N VAL A 309 3.29 -8.76 -0.90
CA VAL A 309 4.48 -7.90 -0.98
C VAL A 309 5.49 -8.32 0.08
N SER A 310 6.74 -7.85 -0.07
CA SER A 310 7.78 -8.25 0.87
C SER A 310 8.58 -7.05 1.37
N ASN A 311 9.03 -7.18 2.63
CA ASN A 311 9.99 -6.24 3.23
C ASN A 311 9.44 -4.84 3.36
N CYS A 312 8.12 -4.67 3.29
CA CYS A 312 7.51 -3.35 3.42
C CYS A 312 7.21 -3.06 4.88
N SER A 313 7.06 -1.78 5.19
CA SER A 313 6.76 -1.40 6.57
C SER A 313 5.53 -0.50 6.62
N VAL A 314 4.77 -0.65 7.70
CA VAL A 314 3.57 0.16 7.96
C VAL A 314 3.73 0.64 9.39
N VAL A 315 4.18 1.88 9.59
CA VAL A 315 4.56 2.33 10.94
C VAL A 315 3.93 3.69 11.22
N GLY A 316 3.26 3.80 12.36
CA GLY A 316 2.86 5.12 12.81
C GLY A 316 1.73 5.77 12.04
N ASN A 317 0.90 4.99 11.35
CA ASN A 317 -0.26 5.49 10.62
C ASN A 317 -1.49 5.45 11.50
N THR A 318 -2.43 6.35 11.22
CA THR A 318 -3.74 6.30 11.85
C THR A 318 -4.74 5.91 10.79
N SER A 319 -5.39 4.76 10.97
CA SER A 319 -6.22 4.14 9.92
C SER A 319 -7.58 3.91 10.57
N TRP A 320 -8.65 4.43 9.97
CA TRP A 320 -9.89 4.47 10.73
C TRP A 320 -11.10 4.49 9.80
N PHE A 321 -12.27 4.26 10.39
CA PHE A 321 -13.56 4.33 9.71
C PHE A 321 -14.57 5.04 10.61
N ASP A 322 -15.58 5.64 9.98
CA ASP A 322 -16.73 6.10 10.77
C ASP A 322 -18.00 5.79 9.99
N THR A 323 -19.13 6.29 10.50
CA THR A 323 -20.38 5.89 9.84
C THR A 323 -20.61 6.60 8.52
N ASN A 324 -19.76 7.56 8.14
CA ASN A 324 -19.89 8.06 6.77
C ASN A 324 -19.56 7.00 5.72
N TYR A 325 -18.81 5.95 6.11
CA TYR A 325 -18.56 4.84 5.20
C TYR A 325 -19.87 4.30 4.66
N ASP A 326 -20.83 4.12 5.55
CA ASP A 326 -22.11 3.52 5.16
C ASP A 326 -22.89 4.43 4.24
N VAL A 327 -22.58 5.73 4.26
CA VAL A 327 -23.27 6.67 3.37
C VAL A 327 -22.60 6.70 2.00
N ILE A 328 -21.30 7.00 1.92
CA ILE A 328 -20.71 7.19 0.60
C ILE A 328 -20.64 5.90 -0.17
N PHE A 329 -20.57 4.74 0.51
CA PHE A 329 -20.48 3.44 -0.14
C PHE A 329 -21.79 2.66 -0.05
N ALA A 330 -22.89 3.35 0.26
CA ALA A 330 -24.21 2.72 0.32
C ALA A 330 -24.45 1.89 -0.94
N GLY A 331 -24.89 0.64 -0.73
CA GLY A 331 -25.14 -0.29 -1.81
C GLY A 331 -23.95 -1.10 -2.27
N TYR A 332 -22.72 -0.71 -1.88
CA TYR A 332 -21.50 -1.33 -2.42
C TYR A 332 -20.53 -1.56 -1.27
N PRO A 333 -20.92 -2.32 -0.26
CA PRO A 333 -20.02 -2.54 0.88
C PRO A 333 -18.73 -3.23 0.46
N GLY A 334 -17.64 -2.89 1.15
CA GLY A 334 -16.35 -3.51 0.90
C GLY A 334 -15.74 -4.06 2.18
N GLY A 335 -14.46 -4.40 2.11
CA GLY A 335 -13.77 -5.11 3.20
C GLY A 335 -13.79 -4.39 4.53
N HIS A 336 -13.60 -3.07 4.52
CA HIS A 336 -13.67 -2.25 5.74
C HIS A 336 -12.67 -2.78 6.78
N ILE A 337 -11.41 -2.98 6.36
CA ILE A 337 -10.32 -3.36 7.29
C ILE A 337 -9.31 -2.21 7.34
N CYS A 338 -8.83 -1.89 8.55
CA CYS A 338 -7.87 -0.78 8.67
C CYS A 338 -6.54 -1.11 8.01
N ILE A 339 -5.94 -2.26 8.37
CA ILE A 339 -4.66 -2.69 7.83
C ILE A 339 -4.78 -4.17 7.48
N SER A 340 -4.74 -4.51 6.19
CA SER A 340 -4.95 -5.90 5.83
C SER A 340 -3.74 -6.45 5.07
N LEU A 341 -3.35 -7.66 5.44
CA LEU A 341 -2.38 -8.42 4.69
C LEU A 341 -3.11 -9.55 3.98
N ALA A 342 -2.72 -9.80 2.73
CA ALA A 342 -3.36 -10.83 1.91
C ALA A 342 -2.30 -11.53 1.07
N SER A 343 -2.69 -12.64 0.48
CA SER A 343 -1.85 -13.23 -0.57
C SER A 343 -1.90 -12.38 -1.83
N GLY A 344 -0.85 -12.49 -2.63
CA GLY A 344 -0.91 -11.96 -3.99
C GLY A 344 -2.01 -12.67 -4.77
N ALA A 345 -2.34 -12.10 -5.93
CA ALA A 345 -3.41 -12.65 -6.76
C ALA A 345 -3.14 -14.09 -7.15
N ASN A 346 -1.88 -14.49 -7.24
CA ASN A 346 -1.53 -15.85 -7.60
C ASN A 346 -0.99 -16.61 -6.39
N GLY A 347 -1.39 -16.17 -5.20
CA GLY A 347 -1.08 -16.91 -3.98
C GLY A 347 0.23 -16.57 -3.30
N GLU A 348 0.96 -15.55 -3.77
CA GLU A 348 2.27 -15.22 -3.19
C GLU A 348 2.11 -14.76 -1.75
N ALA A 349 3.06 -15.16 -0.91
CA ALA A 349 3.01 -14.82 0.51
C ALA A 349 3.51 -13.38 0.76
N CYS A 350 2.90 -12.71 1.74
CA CYS A 350 3.52 -11.53 2.37
C CYS A 350 4.70 -11.99 3.21
N VAL A 351 5.91 -11.50 2.90
CA VAL A 351 7.14 -11.93 3.58
C VAL A 351 7.85 -10.73 4.19
N GLY A 352 8.18 -10.82 5.48
CA GLY A 352 9.18 -9.89 5.99
C GLY A 352 8.67 -8.47 6.17
N ASN A 353 7.36 -8.27 6.28
CA ASN A 353 6.84 -6.91 6.47
C ASN A 353 6.78 -6.57 7.97
N THR A 354 6.68 -5.27 8.23
CA THR A 354 6.83 -4.74 9.59
C THR A 354 5.66 -3.82 9.85
N ILE A 355 4.81 -4.15 10.83
CA ILE A 355 3.59 -3.37 11.12
C ILE A 355 3.70 -2.91 12.57
N ASP A 356 3.96 -1.62 12.82
CA ASP A 356 4.13 -1.21 14.21
C ASP A 356 3.56 0.18 14.44
N SER A 357 3.17 0.43 15.68
CA SER A 357 2.87 1.78 16.15
C SER A 357 1.73 2.42 15.38
N ASN A 358 0.83 1.62 14.79
CA ASN A 358 -0.33 2.20 14.10
C ASN A 358 -1.52 2.30 15.04
N THR A 359 -2.40 3.27 14.79
CA THR A 359 -3.62 3.41 15.58
C THR A 359 -4.78 3.07 14.67
N CYS A 360 -5.52 2.00 14.99
CA CYS A 360 -6.63 1.51 14.16
C CYS A 360 -7.93 1.75 14.90
N ILE A 361 -8.89 2.39 14.22
CA ILE A 361 -10.20 2.69 14.82
C ILE A 361 -11.28 2.14 13.89
N ASP A 362 -12.07 1.18 14.38
CA ASP A 362 -13.10 0.55 13.56
C ASP A 362 -14.30 0.32 14.47
N PRO A 363 -15.32 1.18 14.37
CA PRO A 363 -16.48 1.06 15.27
C PRO A 363 -17.33 -0.17 15.00
N ARG A 364 -17.12 -0.84 13.87
CA ARG A 364 -17.78 -2.14 13.66
C ARG A 364 -17.11 -3.24 14.43
N GLY A 365 -15.92 -2.98 14.99
CA GLY A 365 -15.19 -4.03 15.64
C GLY A 365 -14.54 -5.01 14.70
N ASN A 366 -14.50 -4.73 13.39
CA ASN A 366 -13.67 -5.52 12.48
C ASN A 366 -12.23 -5.51 12.98
N ALA A 367 -11.54 -6.64 12.80
CA ALA A 367 -10.13 -6.71 13.16
C ALA A 367 -9.37 -5.52 12.58
N GLY A 368 -8.54 -4.86 13.40
CA GLY A 368 -7.79 -3.72 12.89
C GLY A 368 -6.65 -4.12 11.97
N ILE A 369 -6.12 -5.32 12.17
CA ILE A 369 -5.09 -5.89 11.32
C ILE A 369 -5.51 -7.32 11.04
N THR A 370 -5.43 -7.76 9.77
CA THR A 370 -5.71 -9.15 9.40
C THR A 370 -4.47 -9.80 8.80
N VAL A 371 -4.23 -11.06 9.14
CA VAL A 371 -3.07 -11.81 8.66
C VAL A 371 -3.54 -13.08 7.98
N PRO A 372 -3.11 -13.37 6.77
CA PRO A 372 -3.58 -14.57 6.04
C PRO A 372 -2.65 -15.75 6.22
N THR A 373 -3.20 -16.94 5.96
CA THR A 373 -2.39 -18.15 5.94
CA THR A 373 -2.38 -18.13 5.98
C THR A 373 -1.28 -17.99 4.94
N GLY A 374 -0.07 -18.48 5.28
CA GLY A 374 1.05 -18.42 4.36
C GLY A 374 2.02 -17.28 4.61
N ALA A 375 1.58 -16.23 5.30
CA ALA A 375 2.46 -15.11 5.57
C ALA A 375 3.64 -15.57 6.46
N THR A 376 4.86 -15.08 6.19
CA THR A 376 6.03 -15.49 6.97
C THR A 376 6.97 -14.31 7.21
N GLY A 377 7.62 -14.30 8.36
CA GLY A 377 8.69 -13.34 8.58
C GLY A 377 8.19 -11.96 8.91
N ASN A 378 6.89 -11.82 9.09
CA ASN A 378 6.35 -10.51 9.43
C ASN A 378 6.45 -10.27 10.93
N VAL A 379 6.50 -9.01 11.32
CA VAL A 379 6.56 -8.63 12.72
C VAL A 379 5.39 -7.69 12.99
N PHE A 380 4.53 -8.03 13.93
CA PHE A 380 3.40 -7.21 14.32
C PHE A 380 3.72 -6.64 15.69
N GLY A 381 4.10 -5.35 15.73
CA GLY A 381 4.63 -4.78 16.95
C GLY A 381 3.55 -4.54 17.99
N SER A 382 3.98 -4.52 19.27
CA SER A 382 3.03 -4.28 20.34
C SER A 382 2.70 -2.80 20.50
N GLY A 383 3.38 -1.93 19.77
CA GLY A 383 2.99 -0.52 19.83
C GLY A 383 1.76 -0.17 19.00
N ASN A 384 1.30 -1.07 18.14
CA ASN A 384 0.00 -0.92 17.48
C ASN A 384 -1.09 -0.79 18.52
N ASN A 385 -2.09 0.04 18.23
CA ASN A 385 -3.17 0.26 19.18
C ASN A 385 -4.45 -0.11 18.46
N LEU A 386 -5.03 -1.26 18.81
CA LEU A 386 -6.30 -1.70 18.23
C LEU A 386 -7.42 -1.69 19.28
N SER A 387 -7.24 -0.93 20.37
CA SER A 387 -8.23 -0.98 21.44
C SER A 387 -9.56 -0.46 20.97
N GLN A 388 -9.57 0.40 19.93
CA GLN A 388 -10.80 0.96 19.38
C GLN A 388 -11.19 0.29 18.08
N ALA A 389 -10.73 -0.94 17.87
CA ALA A 389 -11.07 -1.77 16.72
C ALA A 389 -11.20 -3.21 17.22
N GLY A 390 -11.45 -4.15 16.30
CA GLY A 390 -11.28 -5.54 16.65
C GLY A 390 -9.82 -5.88 16.83
N ALA A 391 -9.55 -6.93 17.61
CA ALA A 391 -8.17 -7.38 17.82
C ALA A 391 -7.60 -7.98 16.53
N ILE A 392 -6.26 -8.06 16.47
CA ILE A 392 -5.61 -8.63 15.29
C ILE A 392 -6.14 -10.04 15.04
N TYR A 393 -6.43 -10.33 13.78
CA TYR A 393 -6.99 -11.61 13.34
C TYR A 393 -5.93 -12.41 12.60
N ILE A 394 -5.76 -13.69 12.95
CA ILE A 394 -4.89 -14.56 12.17
C ILE A 394 -5.73 -15.70 11.57
N ALA A 395 -5.44 -16.04 10.34
CA ALA A 395 -6.28 -17.04 9.68
C ALA A 395 -5.96 -18.47 10.09
N SER A 396 -4.79 -18.73 10.67
CA SER A 396 -4.55 -20.07 11.17
C SER A 396 -3.54 -19.97 12.31
N PRO A 397 -3.62 -20.87 13.29
CA PRO A 397 -2.73 -20.77 14.45
C PRO A 397 -1.25 -20.98 14.13
N ASP A 398 -0.91 -21.64 13.03
CA ASP A 398 0.51 -21.87 12.71
C ASP A 398 1.26 -20.58 12.46
N LEU A 399 0.53 -19.49 12.16
CA LEU A 399 1.17 -18.20 11.91
C LEU A 399 1.98 -17.73 13.11
N ILE A 400 1.62 -18.15 14.32
CA ILE A 400 2.25 -17.59 15.52
C ILE A 400 3.72 -17.96 15.67
N THR A 401 4.22 -18.99 14.98
CA THR A 401 5.64 -19.31 15.04
C THR A 401 6.36 -19.07 13.71
N SER A 402 5.64 -18.70 12.65
CA SER A 402 6.27 -18.32 11.40
C SER A 402 6.30 -16.81 11.20
N ASN A 403 5.77 -16.07 12.17
CA ASN A 403 5.79 -14.61 12.24
C ASN A 403 5.99 -14.27 13.72
N ARG A 404 6.17 -12.99 14.04
CA ARG A 404 6.39 -12.64 15.44
C ARG A 404 5.30 -11.65 15.87
N PHE A 405 4.40 -12.11 16.74
CA PHE A 405 3.24 -11.31 17.15
C PHE A 405 3.55 -10.69 18.49
N GLU A 406 4.20 -9.52 18.50
CA GLU A 406 4.37 -8.81 19.76
C GLU A 406 3.03 -8.30 20.25
N LEU A 407 2.20 -7.85 19.30
CA LEU A 407 0.78 -7.66 19.53
C LEU A 407 0.16 -9.03 19.72
N ALA A 408 -0.34 -9.32 20.91
CA ALA A 408 -0.55 -10.72 21.31
C ALA A 408 -1.75 -11.34 20.60
N VAL A 409 -1.67 -12.65 20.33
CA VAL A 409 -2.75 -13.39 19.69
C VAL A 409 -3.13 -14.55 20.58
N THR A 410 -4.43 -14.72 20.80
CA THR A 410 -4.92 -15.77 21.71
C THR A 410 -5.78 -16.73 20.91
N GLY A 411 -5.71 -18.02 21.24
CA GLY A 411 -6.55 -18.98 20.55
C GLY A 411 -6.73 -20.24 21.39
N SER A 412 -7.33 -21.25 20.77
CA SER A 412 -7.63 -22.48 21.50
C SER A 412 -7.29 -23.67 20.62
N PHE A 413 -7.19 -24.84 21.25
CA PHE A 413 -7.00 -26.09 20.54
C PHE A 413 -7.57 -27.21 21.38
N THR A 414 -7.74 -28.38 20.77
CA THR A 414 -8.30 -29.53 21.47
C THR A 414 -7.15 -30.47 21.79
N PRO A 415 -6.82 -30.67 23.06
CA PRO A 415 -5.68 -31.53 23.39
C PRO A 415 -6.04 -33.01 23.23
N VAL A 416 -4.98 -33.82 23.11
CA VAL A 416 -5.04 -35.29 23.18
C VAL A 416 -3.94 -35.78 24.11
N LEU A 417 -4.12 -37.01 24.59
CA LEU A 417 -3.10 -37.69 25.39
C LEU A 417 -2.49 -38.83 24.58
N LEU A 418 -1.16 -38.95 24.68
CA LEU A 418 -0.41 -39.93 23.89
C LEU A 418 0.26 -40.86 24.88
N PRO A 419 -0.43 -41.92 25.33
CA PRO A 419 0.23 -42.88 26.22
C PRO A 419 1.24 -43.70 25.43
N GLU A 420 2.27 -44.16 26.15
CA GLU A 420 3.30 -44.98 25.54
C GLU A 420 2.73 -46.30 25.05
N SER A 421 1.82 -46.89 25.82
CA SER A 421 1.03 -48.06 25.42
C SER A 421 -0.44 -47.79 25.66
N GLY A 422 -1.29 -48.38 24.80
CA GLY A 422 -2.70 -48.30 25.03
C GLY A 422 -3.22 -46.95 24.57
N SER A 423 -4.37 -46.56 25.11
CA SER A 423 -4.97 -45.32 24.65
C SER A 423 -5.70 -44.65 25.81
N ILE A 424 -5.84 -43.33 25.70
CA ILE A 424 -6.64 -42.55 26.62
C ILE A 424 -7.47 -41.60 25.79
N THR A 425 -8.76 -41.55 26.07
CA THR A 425 -9.69 -40.72 25.31
C THR A 425 -10.20 -39.63 26.24
N LEU A 426 -10.16 -38.37 25.78
CA LEU A 426 -10.59 -37.23 26.57
C LEU A 426 -12.02 -36.83 26.25
N SER A 427 -12.74 -36.41 27.27
CA SER A 427 -14.03 -35.76 27.08
C SER A 427 -13.87 -34.48 26.25
N SER A 428 -14.94 -34.10 25.55
CA SER A 428 -14.93 -32.87 24.74
C SER A 428 -14.79 -31.60 25.58
N SER A 429 -14.98 -31.68 26.91
CA SER A 429 -14.77 -30.53 27.79
C SER A 429 -13.29 -30.22 27.97
N SER A 430 -12.41 -31.13 27.56
CA SER A 430 -10.97 -30.87 27.60
C SER A 430 -10.67 -29.70 26.67
N THR A 431 -9.72 -28.84 27.07
CA THR A 431 -9.57 -27.59 26.36
C THR A 431 -8.13 -27.11 26.49
N GLY A 432 -7.64 -26.48 25.45
CA GLY A 432 -6.32 -25.84 25.50
C GLY A 432 -6.46 -24.41 25.02
N VAL A 433 -5.74 -23.52 25.69
CA VAL A 433 -5.74 -22.10 25.35
C VAL A 433 -4.28 -21.72 25.22
N PHE A 434 -3.97 -20.91 24.21
CA PHE A 434 -2.61 -20.39 24.04
C PHE A 434 -2.69 -18.88 23.88
N ARG A 435 -1.60 -18.21 24.25
CA ARG A 435 -1.44 -16.80 23.88
C ARG A 435 0.00 -16.63 23.46
N ALA A 436 0.23 -16.15 22.23
CA ALA A 436 1.56 -15.87 21.74
C ALA A 436 1.86 -14.39 21.94
N THR A 437 3.00 -14.10 22.58
CA THR A 437 3.53 -12.75 22.74
C THR A 437 4.98 -12.80 22.30
N GLY A 438 5.29 -12.24 21.12
CA GLY A 438 6.67 -12.40 20.66
C GLY A 438 6.99 -13.87 20.45
N ASN A 439 8.20 -14.29 20.82
CA ASN A 439 8.57 -15.71 20.72
C ASN A 439 8.27 -16.50 21.99
N ARG A 440 7.29 -16.06 22.76
CA ARG A 440 6.80 -16.80 23.92
C ARG A 440 5.36 -17.19 23.70
N ILE A 441 5.02 -18.45 24.01
CA ILE A 441 3.64 -18.88 23.99
C ILE A 441 3.30 -19.40 25.38
N ASP A 442 2.24 -18.84 25.97
CA ASP A 442 1.71 -19.28 27.24
C ASP A 442 0.54 -20.23 26.98
N PHE A 443 0.37 -21.21 27.88
CA PHE A 443 -0.61 -22.27 27.66
C PHE A 443 -1.39 -22.54 28.93
N SER A 444 -2.66 -22.90 28.77
CA SER A 444 -3.43 -23.55 29.81
C SER A 444 -4.12 -24.74 29.17
N VAL A 445 -3.95 -25.95 29.74
CA VAL A 445 -4.53 -27.14 29.10
C VAL A 445 -5.31 -27.88 30.17
N THR A 446 -6.60 -28.08 29.94
CA THR A 446 -7.45 -28.82 30.88
C THR A 446 -7.71 -30.20 30.29
N VAL A 447 -7.34 -31.26 31.01
CA VAL A 447 -7.41 -32.65 30.53
C VAL A 447 -8.45 -33.36 31.39
N ASN A 448 -9.60 -33.71 30.78
CA ASN A 448 -10.67 -34.48 31.41
C ASN A 448 -10.82 -35.78 30.64
N VAL A 449 -10.46 -36.89 31.28
CA VAL A 449 -10.55 -38.20 30.65
C VAL A 449 -12.01 -38.64 30.57
N SER A 450 -12.36 -39.32 29.49
CA SER A 450 -13.67 -39.97 29.45
C SER A 450 -13.60 -41.47 29.36
N SER A 451 -12.53 -42.05 28.82
CA SER A 451 -12.35 -43.50 28.80
C SER A 451 -10.87 -43.82 28.62
N ILE A 452 -10.48 -45.03 29.03
CA ILE A 452 -9.12 -45.50 28.85
C ILE A 452 -9.16 -46.92 28.30
N SER A 453 -8.09 -47.30 27.63
CA SER A 453 -7.96 -48.65 27.09
C SER A 453 -6.52 -49.12 27.34
N SER A 454 -6.33 -49.78 28.49
CA SER A 454 -5.04 -50.29 28.96
C SER A 454 -3.88 -49.34 28.73
N PRO A 455 -3.95 -48.10 29.22
CA PRO A 455 -2.81 -47.20 29.06
C PRO A 455 -1.70 -47.57 30.04
N SER A 456 -0.46 -47.46 29.58
CA SER A 456 0.68 -47.68 30.46
C SER A 456 1.90 -46.96 29.91
N GLY A 457 2.86 -46.73 30.81
CA GLY A 457 4.13 -46.15 30.43
C GLY A 457 4.08 -44.63 30.44
N ASN A 458 4.95 -44.03 29.63
CA ASN A 458 5.10 -42.58 29.57
C ASN A 458 3.83 -41.92 28.99
N LEU A 459 3.75 -40.60 29.18
CA LEU A 459 2.56 -39.85 28.77
C LEU A 459 2.98 -38.50 28.19
N ASN A 460 2.42 -38.14 27.04
CA ASN A 460 2.57 -36.79 26.48
C ASN A 460 1.21 -36.16 26.19
N ILE A 461 1.12 -34.84 26.41
CA ILE A 461 0.01 -34.01 25.94
C ILE A 461 0.38 -33.47 24.58
N ALA A 462 -0.58 -33.37 23.66
CA ALA A 462 -0.34 -32.84 22.32
C ALA A 462 -1.63 -32.20 21.83
N TYR A 463 -1.56 -31.40 20.74
CA TYR A 463 -0.38 -30.91 20.04
C TYR A 463 -0.35 -29.38 20.21
N LEU A 464 0.78 -28.82 20.68
CA LEU A 464 0.82 -27.38 20.92
C LEU A 464 0.77 -26.61 19.60
N PRO A 465 -0.16 -25.66 19.45
CA PRO A 465 -0.27 -24.92 18.18
C PRO A 465 1.04 -24.22 17.84
N GLY A 466 1.41 -24.31 16.56
CA GLY A 466 2.59 -23.65 16.02
C GLY A 466 3.92 -24.35 16.28
N MET A 467 3.95 -25.31 17.20
CA MET A 467 5.24 -25.82 17.66
C MET A 467 5.75 -27.01 16.87
N SER A 468 4.99 -27.53 15.90
CA SER A 468 5.43 -28.73 15.22
C SER A 468 6.80 -28.52 14.56
N GLY A 469 7.79 -29.30 14.98
CA GLY A 469 9.12 -29.16 14.42
C GLY A 469 9.90 -27.95 14.88
N LYS A 470 9.37 -27.16 15.81
CA LYS A 470 10.13 -26.03 16.30
C LYS A 470 11.02 -26.48 17.47
N THR A 471 12.03 -25.67 17.79
CA THR A 471 12.80 -25.88 19.01
C THR A 471 12.58 -24.69 19.95
N SER A 472 13.14 -24.82 21.16
CA SER A 472 12.92 -23.81 22.20
C SER A 472 14.19 -23.60 23.01
N SER A 473 14.31 -22.40 23.55
CA SER A 473 15.45 -22.06 24.42
CA SER A 473 15.44 -22.06 24.41
C SER A 473 15.15 -22.39 25.88
N THR A 474 13.91 -22.18 26.31
CA THR A 474 13.52 -22.53 27.68
C THR A 474 12.00 -22.67 27.68
N SER A 475 11.50 -23.30 28.74
CA SER A 475 10.06 -23.52 28.89
C SER A 475 9.84 -23.88 30.35
N MET A 476 8.60 -23.76 30.79
CA MET A 476 8.30 -23.97 32.20
C MET A 476 6.85 -24.36 32.32
N PHE A 477 6.57 -25.51 32.95
CA PHE A 477 5.22 -26.01 33.09
C PHE A 477 5.00 -26.56 34.49
N ILE A 478 3.81 -26.36 35.01
CA ILE A 478 3.37 -26.99 36.26
C ILE A 478 2.02 -27.64 36.01
N ILE A 479 1.69 -28.59 36.87
CA ILE A 479 0.34 -29.11 36.96
C ILE A 479 -0.20 -28.62 38.29
N ASP A 480 -1.20 -27.74 38.27
CA ASP A 480 -1.68 -27.08 39.48
C ASP A 480 -3.00 -27.64 40.01
N TYR A 481 -3.58 -28.65 39.34
CA TYR A 481 -4.81 -29.29 39.77
C TYR A 481 -4.89 -30.70 39.21
N TRP A 482 -5.40 -31.64 40.01
CA TRP A 482 -5.71 -32.97 39.48
C TRP A 482 -6.75 -33.63 40.36
N ASN A 483 -7.31 -34.70 39.80
CA ASN A 483 -8.39 -35.44 40.45
C ASN A 483 -8.38 -36.86 39.90
N ASP A 484 -8.60 -37.83 40.81
CA ASP A 484 -8.75 -39.25 40.44
C ASP A 484 -7.53 -39.77 39.70
N LEU A 485 -6.37 -39.38 40.15
CA LEU A 485 -5.16 -40.04 39.73
C LEU A 485 -4.78 -41.11 40.76
N THR A 486 -4.06 -42.13 40.30
CA THR A 486 -3.53 -43.15 41.20
C THR A 486 -2.14 -42.72 41.67
N LEU A 487 -2.10 -41.85 42.68
CA LEU A 487 -0.85 -41.34 43.21
C LEU A 487 -0.75 -41.63 44.68
N SER A 488 0.35 -42.25 45.09
CA SER A 488 0.61 -42.41 46.51
C SER A 488 0.79 -41.05 47.17
N SER A 489 0.68 -41.05 48.49
CA SER A 489 0.93 -39.83 49.24
C SER A 489 2.34 -39.35 48.98
N GLY A 490 2.49 -38.05 48.73
CA GLY A 490 3.78 -37.45 48.46
C GLY A 490 4.25 -37.54 47.02
N VAL A 491 3.52 -38.23 46.15
CA VAL A 491 3.85 -38.29 44.73
C VAL A 491 3.09 -37.15 44.05
N ILE A 492 3.81 -36.26 43.37
CA ILE A 492 3.12 -35.15 42.69
C ILE A 492 3.45 -35.18 41.20
N PRO A 493 2.52 -34.72 40.36
CA PRO A 493 2.78 -34.70 38.91
C PRO A 493 3.75 -33.60 38.53
N LEU A 494 4.56 -33.88 37.51
CA LEU A 494 5.54 -32.97 36.94
C LEU A 494 5.27 -32.88 35.44
N ALA A 495 5.68 -31.77 34.82
CA ALA A 495 5.49 -31.62 33.39
C ALA A 495 6.69 -30.90 32.80
N SER A 496 7.13 -31.34 31.63
CA SER A 496 8.28 -30.72 31.00
C SER A 496 8.13 -30.86 29.50
N LEU A 497 8.59 -29.86 28.75
CA LEU A 497 8.43 -29.93 27.30
C LEU A 497 9.20 -31.14 26.76
N ASN A 498 8.57 -31.87 25.86
CA ASN A 498 9.19 -32.98 25.14
C ASN A 498 10.26 -32.41 24.20
N LEU A 499 11.54 -32.69 24.45
CA LEU A 499 12.55 -32.02 23.64
C LEU A 499 12.73 -32.67 22.27
N GLU A 500 12.20 -33.88 22.05
CA GLU A 500 12.21 -34.53 20.73
C GLU A 500 11.09 -34.03 19.84
N ASN A 501 9.92 -33.79 20.41
CA ASN A 501 8.73 -33.34 19.68
C ASN A 501 8.21 -32.17 20.48
N GLN A 502 8.63 -30.97 20.11
CA GLN A 502 8.41 -29.84 21.00
C GLN A 502 7.01 -29.24 20.88
N ASP A 503 6.07 -29.88 20.16
CA ASP A 503 4.67 -29.61 20.33
C ASP A 503 3.98 -30.62 21.26
N GLN A 504 4.77 -31.36 22.05
CA GLN A 504 4.24 -32.23 23.08
C GLN A 504 4.85 -31.86 24.41
N ILE A 505 4.08 -32.09 25.48
CA ILE A 505 4.54 -31.88 26.85
C ILE A 505 4.49 -33.24 27.56
N THR A 506 5.63 -33.65 28.11
CA THR A 506 5.70 -34.90 28.84
C THR A 506 5.20 -34.71 30.26
N VAL A 507 4.32 -35.62 30.71
CA VAL A 507 3.75 -35.59 32.04
C VAL A 507 4.23 -36.82 32.80
N TYR A 508 4.80 -36.60 33.98
CA TYR A 508 5.41 -37.68 34.77
C TYR A 508 5.28 -37.34 36.25
N ARG A 509 6.00 -38.08 37.11
CA ARG A 509 5.77 -37.84 38.52
C ARG A 509 7.01 -38.14 39.35
N THR A 510 6.94 -37.76 40.63
CA THR A 510 8.06 -37.88 41.55
C THR A 510 8.09 -39.25 42.19
N ASP A 511 9.28 -39.64 42.62
CA ASP A 511 9.52 -40.89 43.35
C ASP A 511 10.74 -40.66 44.24
N GLY A 512 10.55 -39.87 45.31
CA GLY A 512 11.67 -39.58 46.20
C GLY A 512 12.76 -38.80 45.48
N GLY A 513 13.99 -39.36 45.48
CA GLY A 513 15.15 -38.76 44.86
C GLY A 513 15.28 -38.93 43.36
N ARG A 514 14.24 -39.42 42.70
CA ARG A 514 14.24 -39.54 41.25
C ARG A 514 12.83 -39.23 40.77
N VAL A 515 12.63 -39.28 39.45
CA VAL A 515 11.31 -39.14 38.86
C VAL A 515 11.02 -40.40 38.06
N LEU A 516 9.75 -40.61 37.79
CA LEU A 516 9.33 -41.80 37.06
C LEU A 516 8.43 -41.39 35.91
N TYR A 517 8.64 -42.02 34.76
CA TYR A 517 7.84 -41.75 33.57
C TYR A 517 6.82 -42.86 33.31
N ASP A 518 5.90 -43.07 34.27
CA ASP A 518 4.88 -44.11 34.17
C ASP A 518 3.47 -43.55 34.32
N PHE A 519 3.29 -42.26 33.96
CA PHE A 519 2.07 -41.57 34.33
C PHE A 519 0.83 -42.18 33.70
N SER A 520 0.97 -42.76 32.49
CA SER A 520 -0.16 -43.38 31.82
C SER A 520 -0.73 -44.52 32.65
N SER A 521 0.11 -45.15 33.47
CA SER A 521 -0.30 -46.21 34.37
C SER A 521 -1.07 -45.69 35.57
N LEU A 522 -1.02 -44.39 35.83
CA LEU A 522 -1.69 -43.80 36.98
C LEU A 522 -3.00 -43.14 36.62
N MET A 523 -3.39 -43.22 35.35
CA MET A 523 -4.62 -42.60 34.83
C MET A 523 -5.79 -43.55 35.00
N LYS A 524 -6.95 -43.00 35.31
CA LYS A 524 -8.22 -43.71 35.34
C LYS A 524 -9.17 -43.07 34.34
N SER A 525 -10.31 -43.73 34.17
CA SER A 525 -11.32 -43.24 33.22
C SER A 525 -11.94 -41.92 33.66
N THR A 526 -11.82 -41.56 34.94
CA THR A 526 -12.36 -40.31 35.49
C THR A 526 -11.26 -39.31 35.87
N SER A 527 -10.02 -39.54 35.48
CA SER A 527 -8.93 -38.62 35.82
C SER A 527 -9.16 -37.25 35.18
N SER A 528 -8.63 -36.22 35.85
CA SER A 528 -8.59 -34.85 35.36
C SER A 528 -7.27 -34.24 35.82
N PHE A 529 -6.66 -33.37 35.00
CA PHE A 529 -5.63 -32.50 35.56
C PHE A 529 -5.53 -31.26 34.68
N ILE A 530 -4.86 -30.23 35.20
CA ILE A 530 -4.73 -28.96 34.49
C ILE A 530 -3.26 -28.57 34.48
N LEU A 531 -2.76 -28.22 33.29
CA LEU A 531 -1.37 -27.86 33.08
C LEU A 531 -1.30 -26.38 32.73
N LYS A 532 -0.28 -25.68 33.25
CA LYS A 532 -0.04 -24.26 32.94
C LYS A 532 1.43 -24.08 32.60
N GLY A 533 1.76 -23.18 31.66
CA GLY A 533 3.17 -22.83 31.52
C GLY A 533 3.45 -22.03 30.26
N PHE A 534 4.72 -21.97 29.88
CA PHE A 534 5.08 -21.24 28.67
C PHE A 534 6.27 -21.89 28.00
N VAL A 535 6.44 -21.58 26.70
CA VAL A 535 7.56 -22.03 25.88
C VAL A 535 8.16 -20.80 25.24
N ASP A 536 9.48 -20.63 25.36
CA ASP A 536 10.21 -19.63 24.59
C ASP A 536 10.74 -20.31 23.35
N PHE A 537 10.09 -20.13 22.21
CA PHE A 537 10.50 -20.92 21.05
C PHE A 537 11.54 -20.17 20.22
N ASN A 538 12.26 -20.91 19.39
CA ASN A 538 13.31 -20.34 18.58
C ASN A 538 12.85 -19.95 17.18
#